data_6Z57
#
_entry.id   6Z57
#
_cell.length_a   77.860
_cell.length_b   78.040
_cell.length_c   81.980
_cell.angle_alpha   90.000
_cell.angle_beta   90.000
_cell.angle_gamma   90.000
#
_symmetry.space_group_name_H-M   'P 21 21 21'
#
loop_
_entity.id
_entity.type
_entity.pdbx_description
1 polymer 'Serine/threonine-protein kinase haspin'
2 non-polymer 10-(2-morpholin-4-ylethyl)-7-oxa-10,13,17,18,21-pentazatetracyclo[12.5.2.12,6.017,20]docosa-1(20),2(22),3,5,14(21),15,18-heptaene
3 non-polymer 'SODIUM ION'
4 non-polymer (4S)-2-METHYL-2,4-PENTANEDIOL
5 non-polymer (4R)-2-METHYLPENTANE-2,4-DIOL
6 non-polymer 'DIMETHYL SULFOXIDE'
7 water water
#
_entity_poly.entity_id   1
_entity_poly.type   'polypeptide(L)'
_entity_poly.pdbx_seq_one_letter_code
;MHHHHHHSSGVDLGTENLYFQSMGECSQKGPVPFSHCLPTEKLQRCEKIGEGVFGEVFQTIADHTPVAIKIIAIEGPDLV
NGSHQKTFEEILPEIIISKELSLLSGEVCNRTEGFIGLNSVHCVQGSYPPLLLKAWDHYNSTKGSANDRPDFFKDDQLFI
VLEFEFGGIDLEQMRTKLSSLATAKSILHQLTASLAVAEASLRFEHRDLHWGNVLLKKTSLKKLHYTLNGKSSTIPSCGL
QVSIIDYTLSRLERDGIVVFCDVSMDEDLFTGDGDYQFDIYRLMKKENNNRWGEYHPYSNVLWLHYLTDKMLKQMTFKTK
CNTPAMKQIKRKIQEFHRTMLNFSSATDLLCQHSLFK
;
_entity_poly.pdbx_strand_id   A
#
loop_
_chem_comp.id
_chem_comp.type
_chem_comp.name
_chem_comp.formula
DMS non-polymer 'DIMETHYL SULFOXIDE' 'C2 H6 O S'
MPD non-polymer (4S)-2-METHYL-2,4-PENTANEDIOL 'C6 H14 O2'
MRD non-polymer (4R)-2-METHYLPENTANE-2,4-DIOL 'C6 H14 O2'
NA non-polymer 'SODIUM ION' 'Na 1'
Q8W non-polymer 10-(2-morpholin-4-ylethyl)-7-oxa-10,13,17,18,21-pentazatetracyclo[12.5.2.12,6.017,20]docosa-1(20),2(22),3,5,14(21),15,18-heptaene 'C22 H26 N6 O2'
#
# COMPACT_ATOMS: atom_id res chain seq x y z
N LYS A 29 -15.38 23.79 6.02
CA LYS A 29 -16.67 23.61 6.78
C LYS A 29 -17.86 23.28 5.83
N GLY A 30 -17.58 22.62 4.68
CA GLY A 30 -18.58 22.32 3.62
C GLY A 30 -17.90 21.61 2.43
N PRO A 31 -18.61 20.73 1.71
CA PRO A 31 -17.99 20.10 0.52
C PRO A 31 -17.68 21.07 -0.61
N VAL A 32 -16.81 20.65 -1.52
CA VAL A 32 -16.39 21.43 -2.71
C VAL A 32 -16.76 20.68 -3.97
N PRO A 33 -16.85 21.37 -5.12
CA PRO A 33 -17.11 20.60 -6.35
C PRO A 33 -15.90 19.89 -6.81
N PHE A 34 -16.12 18.95 -7.73
CA PHE A 34 -15.02 18.19 -8.27
C PHE A 34 -13.93 19.10 -8.86
N SER A 35 -14.37 20.18 -9.49
CA SER A 35 -13.46 21.13 -10.13
C SER A 35 -12.44 21.77 -9.20
N HIS A 36 -12.68 21.78 -7.90
CA HIS A 36 -11.71 22.25 -6.94
C HIS A 36 -10.44 21.37 -6.86
N CYS A 37 -10.62 20.05 -6.95
CA CYS A 37 -9.52 19.06 -6.98
C CYS A 37 -9.03 18.84 -8.35
N LEU A 38 -9.97 18.88 -9.29
CA LEU A 38 -9.69 18.51 -10.63
C LEU A 38 -10.15 19.63 -11.54
N PRO A 39 -9.38 20.73 -11.58
CA PRO A 39 -9.64 21.75 -12.55
C PRO A 39 -9.52 21.18 -13.98
N THR A 40 -10.00 21.93 -14.98
CA THR A 40 -10.26 21.38 -16.30
C THR A 40 -9.06 20.63 -16.89
N GLU A 41 -7.86 21.22 -16.87
CA GLU A 41 -6.70 20.52 -17.48
C GLU A 41 -6.30 19.24 -16.73
N LYS A 42 -6.36 19.31 -15.40
CA LYS A 42 -6.04 18.14 -14.57
C LYS A 42 -7.07 17.04 -14.79
N LEU A 43 -8.32 17.44 -14.94
CA LEU A 43 -9.36 16.46 -15.25
C LEU A 43 -9.21 15.83 -16.64
N GLN A 44 -8.88 16.65 -17.60
CA GLN A 44 -8.65 16.21 -19.01
C GLN A 44 -7.50 15.21 -19.11
N ARG A 45 -6.53 15.26 -18.18
CA ARG A 45 -5.39 14.36 -18.23
C ARG A 45 -5.54 13.12 -17.34
N CYS A 46 -6.71 12.94 -16.70
CA CYS A 46 -6.95 11.75 -15.96
C CYS A 46 -7.04 10.49 -16.83
N GLU A 47 -6.36 9.47 -16.40
CA GLU A 47 -6.44 8.11 -16.94
C GLU A 47 -6.66 7.15 -15.80
N LYS A 48 -7.56 6.17 -15.98
CA LYS A 48 -7.81 5.26 -14.91
C LYS A 48 -6.66 4.27 -14.79
N ILE A 49 -6.22 4.02 -13.61
CA ILE A 49 -5.12 3.05 -13.38
C ILE A 49 -5.51 1.89 -12.45
N GLY A 50 -6.60 1.98 -11.67
CA GLY A 50 -6.99 0.92 -10.81
C GLY A 50 -8.36 1.07 -10.24
N GLU A 51 -8.74 0.08 -9.45
CA GLU A 51 -10.09 0.02 -8.91
C GLU A 51 -10.20 -0.96 -7.78
N GLY A 52 -11.30 -0.84 -7.08
CA GLY A 52 -11.71 -1.85 -6.13
C GLY A 52 -13.14 -1.67 -5.77
N VAL A 53 -13.65 -2.48 -4.84
CA VAL A 53 -15.02 -2.27 -4.39
C VAL A 53 -15.17 -0.84 -3.84
N PHE A 54 -14.12 -0.32 -3.21
CA PHE A 54 -14.13 1.01 -2.65
C PHE A 54 -14.44 2.11 -3.65
N GLY A 55 -14.12 1.91 -4.94
CA GLY A 55 -14.17 3.03 -5.88
C GLY A 55 -13.09 2.96 -6.93
N GLU A 56 -12.52 4.11 -7.30
CA GLU A 56 -11.75 4.26 -8.53
C GLU A 56 -10.45 4.98 -8.27
N VAL A 57 -9.44 4.64 -9.07
CA VAL A 57 -8.11 5.29 -8.97
C VAL A 57 -7.68 5.78 -10.32
N PHE A 58 -7.40 7.08 -10.43
CA PHE A 58 -6.96 7.73 -11.66
C PHE A 58 -5.54 8.29 -11.46
N GLN A 59 -4.81 8.34 -12.55
CA GLN A 59 -3.54 9.09 -12.62
C GLN A 59 -3.77 10.33 -13.39
N THR A 60 -3.17 11.45 -12.95
CA THR A 60 -3.17 12.66 -13.73
C THR A 60 -1.86 13.41 -13.51
N ILE A 61 -1.80 14.62 -13.94
CA ILE A 61 -0.55 15.36 -13.87
CA ILE A 61 -0.54 15.41 -13.99
C ILE A 61 -0.88 16.81 -13.55
N ALA A 62 -0.07 17.40 -12.67
CA ALA A 62 -0.17 18.84 -12.48
C ALA A 62 1.25 19.30 -12.15
N ASP A 63 1.57 20.49 -12.59
CA ASP A 63 2.95 21.00 -12.49
C ASP A 63 3.96 19.90 -12.88
N HIS A 64 3.71 19.33 -14.06
CA HIS A 64 4.63 18.37 -14.68
C HIS A 64 4.85 17.10 -13.89
N THR A 65 4.01 16.81 -12.88
CA THR A 65 4.24 15.77 -11.96
C THR A 65 3.01 14.85 -11.84
N PRO A 66 3.21 13.54 -12.04
CA PRO A 66 2.08 12.65 -11.90
C PRO A 66 1.62 12.51 -10.48
N VAL A 67 0.31 12.29 -10.31
CA VAL A 67 -0.28 12.03 -9.04
C VAL A 67 -1.39 10.97 -9.21
N ALA A 68 -1.73 10.31 -8.13
CA ALA A 68 -2.82 9.31 -8.12
C ALA A 68 -3.97 9.87 -7.35
N ILE A 69 -5.17 9.68 -7.86
CA ILE A 69 -6.38 10.25 -7.35
C ILE A 69 -7.29 9.05 -7.01
N LYS A 70 -7.59 8.90 -5.73
CA LYS A 70 -8.44 7.81 -5.25
C LYS A 70 -9.77 8.43 -4.84
N ILE A 71 -10.87 7.95 -5.45
CA ILE A 71 -12.17 8.55 -5.28
C ILE A 71 -13.13 7.51 -4.69
N ILE A 72 -13.70 7.87 -3.57
CA ILE A 72 -14.56 6.99 -2.76
C ILE A 72 -15.88 7.67 -2.50
N ALA A 73 -17.01 7.07 -2.94
CA ALA A 73 -18.32 7.57 -2.61
C ALA A 73 -18.59 7.32 -1.14
N ILE A 74 -19.16 8.29 -0.44
CA ILE A 74 -19.54 8.13 0.95
C ILE A 74 -20.96 8.61 1.23
N GLU A 75 -21.55 8.07 2.31
CA GLU A 75 -22.74 8.60 2.98
C GLU A 75 -24.08 8.33 2.28
N GLY A 76 -24.06 7.82 1.07
CA GLY A 76 -25.28 7.60 0.29
C GLY A 76 -25.91 6.22 0.45
N PRO A 77 -27.11 6.07 -0.07
CA PRO A 77 -27.88 4.82 0.14
C PRO A 77 -27.71 3.81 -1.00
N ASP A 78 -27.13 4.20 -2.15
CA ASP A 78 -26.95 3.26 -3.26
C ASP A 78 -25.89 2.23 -2.92
N LEU A 79 -26.10 1.01 -3.35
CA LEU A 79 -24.98 0.06 -3.47
C LEU A 79 -24.04 0.60 -4.54
N VAL A 80 -22.76 0.44 -4.28
CA VAL A 80 -21.74 0.80 -5.24
C VAL A 80 -20.82 -0.38 -5.37
N ASN A 81 -20.70 -0.92 -6.57
CA ASN A 81 -19.90 -2.12 -6.77
C ASN A 81 -20.38 -3.26 -5.86
N GLY A 82 -21.68 -3.27 -5.58
CA GLY A 82 -22.33 -4.40 -4.84
C GLY A 82 -22.25 -4.27 -3.32
N SER A 83 -21.71 -3.17 -2.80
CA SER A 83 -21.51 -2.96 -1.36
C SER A 83 -22.06 -1.60 -0.92
N HIS A 84 -22.44 -1.49 0.35
CA HIS A 84 -22.87 -0.20 0.85
C HIS A 84 -21.73 0.74 0.96
N GLN A 85 -22.04 2.04 0.75
CA GLN A 85 -21.02 3.07 0.90
C GLN A 85 -20.63 3.22 2.36
N LYS A 86 -19.37 3.52 2.58
CA LYS A 86 -18.90 3.89 3.90
CA LYS A 86 -18.87 3.89 3.89
C LYS A 86 -19.45 5.22 4.32
N THR A 87 -19.58 5.41 5.63
CA THR A 87 -19.85 6.71 6.20
C THR A 87 -18.54 7.51 6.31
N PHE A 88 -18.68 8.80 6.59
CA PHE A 88 -17.48 9.62 6.83
C PHE A 88 -16.65 9.05 8.01
N GLU A 89 -17.32 8.60 9.06
CA GLU A 89 -16.67 7.95 10.23
CA GLU A 89 -16.60 8.02 10.18
C GLU A 89 -15.84 6.73 9.81
N GLU A 90 -16.37 5.93 8.88
CA GLU A 90 -15.71 4.74 8.39
C GLU A 90 -14.54 5.03 7.47
N ILE A 91 -14.54 6.15 6.79
CA ILE A 91 -13.40 6.52 5.92
C ILE A 91 -12.28 7.26 6.68
N LEU A 92 -12.59 7.87 7.84
CA LEU A 92 -11.56 8.62 8.58
C LEU A 92 -10.31 7.83 8.88
N PRO A 93 -10.44 6.53 9.24
CA PRO A 93 -9.20 5.82 9.53
C PRO A 93 -8.21 5.79 8.38
N GLU A 94 -8.66 5.53 7.17
CA GLU A 94 -7.77 5.54 6.05
C GLU A 94 -7.15 6.93 5.88
N ILE A 95 -7.94 7.97 6.02
CA ILE A 95 -7.41 9.35 5.89
C ILE A 95 -6.33 9.62 6.90
N ILE A 96 -6.64 9.32 8.17
CA ILE A 96 -5.71 9.55 9.27
C ILE A 96 -4.41 8.78 9.03
N ILE A 97 -4.51 7.49 8.71
CA ILE A 97 -3.33 6.67 8.57
C ILE A 97 -2.49 7.10 7.35
N SER A 98 -3.15 7.46 6.26
CA SER A 98 -2.46 7.99 5.10
C SER A 98 -1.63 9.24 5.48
N LYS A 99 -2.24 10.13 6.28
CA LYS A 99 -1.47 11.31 6.70
C LYS A 99 -0.27 10.94 7.57
N GLU A 100 -0.47 10.08 8.58
CA GLU A 100 0.59 9.79 9.49
C GLU A 100 1.76 9.12 8.78
N LEU A 101 1.48 8.21 7.86
CA LEU A 101 2.56 7.51 7.18
C LEU A 101 3.26 8.42 6.21
N SER A 102 2.53 9.29 5.53
CA SER A 102 3.15 10.30 4.70
C SER A 102 4.11 11.17 5.47
N LEU A 103 3.69 11.59 6.67
CA LEU A 103 4.53 12.47 7.47
C LEU A 103 5.87 11.87 7.91
N LEU A 104 6.00 10.52 7.84
CA LEU A 104 7.22 9.87 8.23
C LEU A 104 8.37 10.27 7.33
N SER A 105 8.08 10.78 6.14
CA SER A 105 9.19 11.22 5.29
C SER A 105 9.91 12.44 5.78
N GLY A 106 9.25 13.23 6.64
CA GLY A 106 9.80 14.43 7.17
C GLY A 106 10.16 14.40 8.66
N GLU A 107 10.06 13.24 9.28
CA GLU A 107 10.43 13.11 10.71
C GLU A 107 11.89 12.87 10.91
N VAL A 108 12.33 12.77 12.17
CA VAL A 108 13.73 12.77 12.50
C VAL A 108 14.13 11.45 13.13
N CYS A 109 13.55 11.07 14.27
CA CYS A 109 13.94 9.85 14.92
C CYS A 109 13.47 8.59 14.17
N ASN A 110 12.30 8.66 13.58
CA ASN A 110 11.75 7.59 12.80
C ASN A 110 11.29 8.13 11.48
N ARG A 111 12.14 7.93 10.47
CA ARG A 111 12.00 8.57 9.17
C ARG A 111 12.08 7.55 8.07
N THR A 112 11.11 7.59 7.18
CA THR A 112 11.14 6.72 5.98
C THR A 112 10.33 7.35 4.87
N GLU A 113 10.79 7.16 3.60
CA GLU A 113 9.99 7.54 2.44
C GLU A 113 9.33 6.31 1.83
N GLY A 114 9.27 5.20 2.53
CA GLY A 114 8.74 3.96 1.96
C GLY A 114 7.28 3.76 1.93
N PHE A 115 6.51 4.73 2.49
CA PHE A 115 5.06 4.76 2.32
C PHE A 115 4.83 5.62 1.10
N ILE A 116 3.74 6.34 1.04
CA ILE A 116 3.39 7.10 -0.17
C ILE A 116 3.02 8.48 0.34
N GLY A 117 3.37 9.51 -0.40
CA GLY A 117 3.02 10.84 0.03
C GLY A 117 1.53 11.11 -0.17
N LEU A 118 0.96 11.80 0.77
CA LEU A 118 -0.41 12.31 0.69
C LEU A 118 -0.41 13.78 0.44
N ASN A 119 -0.84 14.17 -0.75
CA ASN A 119 -0.85 15.60 -1.12
C ASN A 119 -2.04 16.35 -0.53
N SER A 120 -3.24 15.75 -0.59
CA SER A 120 -4.43 16.42 -0.11
C SER A 120 -5.56 15.44 0.03
N VAL A 121 -6.55 15.89 0.81
CA VAL A 121 -7.81 15.17 0.93
C VAL A 121 -8.93 16.18 0.90
N HIS A 122 -9.93 15.92 0.06
CA HIS A 122 -11.11 16.73 -0.02
C HIS A 122 -12.41 15.92 0.10
N CYS A 123 -13.41 16.56 0.64
CA CYS A 123 -14.80 16.09 0.51
C CYS A 123 -15.47 16.85 -0.59
N VAL A 124 -15.88 16.10 -1.61
CA VAL A 124 -16.45 16.64 -2.81
C VAL A 124 -17.92 16.29 -2.91
N GLN A 125 -18.71 17.17 -3.50
CA GLN A 125 -20.10 16.91 -3.78
CA GLN A 125 -20.12 16.92 -3.77
C GLN A 125 -20.43 17.11 -5.24
N GLY A 126 -21.13 16.16 -5.85
CA GLY A 126 -21.64 16.30 -7.20
C GLY A 126 -21.81 14.97 -7.90
N SER A 127 -22.40 14.99 -9.10
CA SER A 127 -22.38 13.80 -9.91
C SER A 127 -20.99 13.54 -10.48
N TYR A 128 -20.77 12.34 -10.98
CA TYR A 128 -19.43 11.97 -11.45
C TYR A 128 -19.08 12.73 -12.68
N PRO A 129 -17.89 13.34 -12.72
CA PRO A 129 -17.53 14.10 -13.90
C PRO A 129 -17.55 13.27 -15.18
N PRO A 130 -18.23 13.76 -16.22
CA PRO A 130 -18.18 13.07 -17.54
C PRO A 130 -16.78 12.76 -18.03
N LEU A 131 -15.82 13.62 -17.75
CA LEU A 131 -14.45 13.33 -18.20
C LEU A 131 -13.86 12.14 -17.47
N LEU A 132 -14.26 11.93 -16.21
CA LEU A 132 -13.84 10.73 -15.52
C LEU A 132 -14.56 9.48 -16.03
N LEU A 133 -15.84 9.62 -16.38
CA LEU A 133 -16.55 8.50 -17.02
C LEU A 133 -15.89 8.10 -18.33
N LYS A 134 -15.39 9.09 -19.07
CA LYS A 134 -14.67 8.80 -20.29
C LYS A 134 -13.44 7.94 -20.01
N ALA A 135 -12.65 8.31 -19.00
CA ALA A 135 -11.50 7.52 -18.60
C ALA A 135 -11.90 6.14 -18.09
N TRP A 136 -13.00 6.09 -17.36
CA TRP A 136 -13.51 4.83 -16.82
C TRP A 136 -13.83 3.88 -17.97
N ASP A 137 -14.48 4.42 -18.96
CA ASP A 137 -14.90 3.62 -20.15
C ASP A 137 -13.69 3.05 -20.89
N HIS A 138 -12.67 3.89 -21.07
CA HIS A 138 -11.44 3.45 -21.74
C HIS A 138 -10.76 2.27 -21.04
N TYR A 139 -10.64 2.32 -19.73
CA TYR A 139 -10.15 1.24 -18.93
C TYR A 139 -11.03 -0.03 -19.09
N ASN A 140 -12.34 0.16 -19.04
CA ASN A 140 -13.26 -1.00 -19.17
C ASN A 140 -13.09 -1.67 -20.54
N SER A 141 -12.91 -0.86 -21.59
CA SER A 141 -12.69 -1.37 -22.96
C SER A 141 -11.40 -2.11 -23.19
N THR A 142 -10.37 -1.75 -22.46
CA THR A 142 -9.01 -2.24 -22.71
C THR A 142 -8.57 -3.26 -21.68
N LYS A 143 -8.85 -3.02 -20.40
CA LYS A 143 -8.51 -3.96 -19.34
C LYS A 143 -9.71 -4.75 -18.78
N GLY A 144 -10.90 -4.14 -18.84
CA GLY A 144 -12.10 -4.70 -18.22
C GLY A 144 -12.22 -4.35 -16.75
N SER A 145 -13.45 -4.03 -16.33
CA SER A 145 -13.71 -3.62 -14.97
C SER A 145 -14.64 -4.61 -14.28
N ALA A 146 -14.45 -4.78 -12.99
CA ALA A 146 -15.43 -5.46 -12.15
C ALA A 146 -16.46 -4.50 -11.54
N ASN A 147 -16.27 -3.21 -11.74
CA ASN A 147 -17.14 -2.21 -11.11
C ASN A 147 -18.28 -1.77 -11.95
N ASP A 148 -19.28 -1.22 -11.26
CA ASP A 148 -20.32 -0.53 -11.95
C ASP A 148 -19.81 0.79 -12.61
N ARG A 149 -20.31 1.09 -13.80
CA ARG A 149 -20.02 2.39 -14.38
C ARG A 149 -20.57 3.49 -13.43
N PRO A 150 -19.71 4.46 -12.99
CA PRO A 150 -20.15 5.32 -11.84
C PRO A 150 -20.93 6.51 -12.34
N ASP A 151 -22.00 6.23 -13.08
CA ASP A 151 -22.75 7.25 -13.80
C ASP A 151 -24.12 7.51 -13.16
N PHE A 152 -24.38 6.90 -12.02
CA PHE A 152 -25.70 6.89 -11.42
C PHE A 152 -25.80 7.81 -10.17
N PHE A 153 -24.75 8.56 -9.89
CA PHE A 153 -24.68 9.43 -8.72
C PHE A 153 -25.40 10.76 -9.02
N LYS A 154 -26.18 11.26 -8.06
CA LYS A 154 -26.85 12.55 -8.18
C LYS A 154 -25.97 13.70 -7.72
N ASP A 155 -26.48 14.91 -7.95
CA ASP A 155 -25.69 16.10 -7.64
C ASP A 155 -25.52 16.42 -6.13
N ASP A 156 -26.15 15.65 -5.25
CA ASP A 156 -25.91 15.74 -3.81
C ASP A 156 -24.96 14.67 -3.31
N GLN A 157 -24.41 13.84 -4.20
CA GLN A 157 -23.57 12.75 -3.76
C GLN A 157 -22.27 13.26 -3.17
N LEU A 158 -21.82 12.70 -2.05
CA LEU A 158 -20.51 12.99 -1.45
C LEU A 158 -19.47 11.96 -1.79
N PHE A 159 -18.25 12.43 -1.93
CA PHE A 159 -17.10 11.59 -2.16
C PHE A 159 -15.95 12.13 -1.31
N ILE A 160 -15.05 11.24 -0.95
CA ILE A 160 -13.69 11.61 -0.54
C ILE A 160 -12.79 11.43 -1.71
N VAL A 161 -11.98 12.46 -1.96
CA VAL A 161 -10.96 12.43 -2.97
C VAL A 161 -9.58 12.56 -2.27
N LEU A 162 -8.82 11.49 -2.36
CA LEU A 162 -7.46 11.48 -1.82
C LEU A 162 -6.49 11.64 -2.95
N GLU A 163 -5.57 12.58 -2.85
CA GLU A 163 -4.56 12.74 -3.87
C GLU A 163 -3.23 12.32 -3.27
N PHE A 164 -2.62 11.33 -3.89
CA PHE A 164 -1.34 10.77 -3.46
C PHE A 164 -0.28 11.04 -4.49
N GLU A 165 0.97 11.06 -4.00
CA GLU A 165 2.14 10.91 -4.87
C GLU A 165 1.93 9.67 -5.76
N PHE A 166 2.34 9.79 -7.02
CA PHE A 166 2.30 8.64 -7.91
C PHE A 166 3.49 7.74 -7.54
N GLY A 167 3.17 6.51 -7.12
CA GLY A 167 4.20 5.62 -6.59
C GLY A 167 4.77 4.63 -7.59
N GLY A 168 4.21 4.57 -8.79
CA GLY A 168 4.72 3.67 -9.84
C GLY A 168 3.72 2.55 -10.10
N ILE A 169 4.27 1.35 -10.33
CA ILE A 169 3.56 0.16 -10.81
CA ILE A 169 3.47 0.22 -10.73
C ILE A 169 3.64 -0.90 -9.71
N ASP A 170 2.54 -1.63 -9.45
CA ASP A 170 2.56 -2.61 -8.40
C ASP A 170 3.42 -3.87 -8.73
N LEU A 171 3.84 -4.54 -7.66
CA LEU A 171 4.74 -5.67 -7.78
C LEU A 171 4.14 -6.83 -8.62
N GLU A 172 2.82 -7.03 -8.48
CA GLU A 172 2.11 -8.07 -9.24
C GLU A 172 2.24 -7.84 -10.75
N GLN A 173 2.04 -6.58 -11.15
CA GLN A 173 2.15 -6.24 -12.58
C GLN A 173 3.58 -6.22 -13.05
N MET A 174 4.54 -6.19 -12.12
CA MET A 174 5.93 -6.33 -12.43
C MET A 174 6.48 -7.75 -12.27
N ARG A 175 5.57 -8.73 -12.19
CA ARG A 175 5.97 -10.14 -12.04
C ARG A 175 7.07 -10.61 -12.93
N THR A 176 7.04 -10.17 -14.20
CA THR A 176 8.01 -10.62 -15.20
C THR A 176 9.02 -9.53 -15.62
N LYS A 177 9.09 -8.44 -14.85
CA LYS A 177 9.76 -7.23 -15.33
C LYS A 177 11.01 -6.83 -14.56
N LEU A 178 11.35 -7.52 -13.49
CA LEU A 178 12.51 -7.13 -12.69
C LEU A 178 13.73 -7.83 -13.11
N SER A 179 14.87 -7.23 -12.79
CA SER A 179 16.13 -7.69 -13.33
C SER A 179 16.61 -9.03 -12.74
N SER A 180 16.65 -9.11 -11.42
CA SER A 180 17.21 -10.31 -10.73
C SER A 180 16.78 -10.35 -9.28
N LEU A 181 17.15 -11.43 -8.59
CA LEU A 181 16.90 -11.52 -7.17
C LEU A 181 17.64 -10.48 -6.35
N ALA A 182 18.72 -9.86 -6.87
CA ALA A 182 19.29 -8.72 -6.16
C ALA A 182 18.24 -7.64 -6.00
N THR A 183 17.42 -7.39 -7.05
CA THR A 183 16.36 -6.41 -7.00
C THR A 183 15.36 -6.83 -5.93
N ALA A 184 15.06 -8.14 -5.89
CA ALA A 184 14.10 -8.62 -4.90
C ALA A 184 14.61 -8.41 -3.48
N LYS A 185 15.89 -8.58 -3.31
CA LYS A 185 16.52 -8.29 -1.99
C LYS A 185 16.26 -6.84 -1.57
N SER A 186 16.55 -5.95 -2.48
CA SER A 186 16.33 -4.51 -2.19
C SER A 186 14.92 -4.23 -1.81
N ILE A 187 13.97 -4.80 -2.56
CA ILE A 187 12.58 -4.58 -2.31
C ILE A 187 12.18 -5.07 -0.92
N LEU A 188 12.60 -6.29 -0.58
CA LEU A 188 12.30 -6.81 0.76
C LEU A 188 12.95 -5.99 1.89
N HIS A 189 14.17 -5.51 1.64
CA HIS A 189 14.86 -4.68 2.65
C HIS A 189 14.13 -3.33 2.83
N GLN A 190 13.75 -2.72 1.71
CA GLN A 190 12.97 -1.46 1.75
C GLN A 190 11.66 -1.63 2.48
N LEU A 191 10.96 -2.71 2.18
CA LEU A 191 9.69 -2.98 2.83
C LEU A 191 9.85 -3.20 4.34
N THR A 192 10.86 -3.98 4.72
CA THR A 192 11.09 -4.32 6.14
C THR A 192 11.45 -3.04 6.88
N ALA A 193 12.33 -2.25 6.30
CA ALA A 193 12.76 -0.98 6.95
C ALA A 193 11.58 -0.02 7.15
N SER A 194 10.74 0.11 6.12
CA SER A 194 9.62 1.03 6.24
C SER A 194 8.62 0.57 7.30
N LEU A 195 8.31 -0.71 7.32
CA LEU A 195 7.47 -1.25 8.35
C LEU A 195 8.04 -1.09 9.75
N ALA A 196 9.36 -1.30 9.87
CA ALA A 196 10.02 -1.15 11.20
C ALA A 196 9.88 0.29 11.71
N VAL A 197 10.13 1.25 10.82
CA VAL A 197 10.07 2.62 11.19
C VAL A 197 8.64 2.98 11.64
N ALA A 198 7.62 2.51 10.90
CA ALA A 198 6.23 2.74 11.31
C ALA A 198 5.83 2.01 12.61
N GLU A 199 6.35 0.78 12.83
CA GLU A 199 6.15 0.13 14.11
C GLU A 199 6.69 0.99 15.24
N ALA A 200 7.90 1.49 15.04
CA ALA A 200 8.56 2.25 16.12
C ALA A 200 7.87 3.56 16.43
N SER A 201 7.38 4.24 15.40
CA SER A 201 6.78 5.57 15.57
CA SER A 201 6.78 5.58 15.52
C SER A 201 5.31 5.52 15.94
N LEU A 202 4.59 4.53 15.36
CA LEU A 202 3.14 4.56 15.34
C LEU A 202 2.50 3.26 15.77
N ARG A 203 3.30 2.26 16.12
CA ARG A 203 2.71 0.93 16.45
C ARG A 203 1.79 0.48 15.29
N PHE A 204 2.36 0.60 14.10
CA PHE A 204 1.69 0.34 12.84
C PHE A 204 1.67 -1.12 12.42
N GLU A 205 0.49 -1.54 11.90
CA GLU A 205 0.35 -2.80 11.14
C GLU A 205 -0.35 -2.47 9.86
N HIS A 206 0.21 -2.90 8.76
CA HIS A 206 -0.46 -2.67 7.50
C HIS A 206 -1.74 -3.50 7.36
N ARG A 207 -1.61 -4.80 7.64
CA ARG A 207 -2.74 -5.78 7.62
C ARG A 207 -3.28 -6.22 6.26
N ASP A 208 -2.72 -5.76 5.18
CA ASP A 208 -3.18 -6.17 3.84
C ASP A 208 -2.15 -5.92 2.79
N LEU A 209 -0.92 -6.33 3.05
CA LEU A 209 0.18 -5.95 2.18
C LEU A 209 0.43 -7.03 1.12
N HIS A 210 -0.63 -7.28 0.35
CA HIS A 210 -0.50 -8.16 -0.78
C HIS A 210 0.33 -7.45 -1.84
N TRP A 211 0.74 -8.20 -2.86
CA TRP A 211 1.66 -7.66 -3.87
C TRP A 211 1.06 -6.58 -4.82
N GLY A 212 -0.26 -6.39 -4.77
CA GLY A 212 -0.86 -5.23 -5.41
C GLY A 212 -0.68 -3.92 -4.65
N ASN A 213 -0.18 -4.00 -3.41
CA ASN A 213 0.00 -2.82 -2.55
C ASN A 213 1.48 -2.45 -2.32
N VAL A 214 2.36 -3.00 -3.14
CA VAL A 214 3.75 -2.66 -3.17
C VAL A 214 3.98 -2.00 -4.49
N LEU A 215 4.31 -0.72 -4.52
CA LEU A 215 4.58 -0.05 -5.79
C LEU A 215 6.05 0.15 -6.00
N LEU A 216 6.49 0.13 -7.25
CA LEU A 216 7.85 0.28 -7.68
C LEU A 216 8.00 1.41 -8.67
N LYS A 217 9.00 2.26 -8.46
CA LYS A 217 9.32 3.38 -9.36
C LYS A 217 10.79 3.49 -9.50
N LYS A 218 11.27 3.87 -10.68
CA LYS A 218 12.65 4.08 -10.89
C LYS A 218 13.18 5.21 -10.03
N THR A 219 14.38 5.03 -9.52
CA THR A 219 15.14 6.14 -8.88
C THR A 219 16.55 6.14 -9.41
N SER A 220 17.16 7.34 -9.54
CA SER A 220 18.60 7.45 -9.81
C SER A 220 19.46 7.39 -8.60
N LEU A 221 18.85 7.34 -7.40
CA LEU A 221 19.62 7.24 -6.20
C LEU A 221 20.20 5.81 -6.09
N LYS A 222 21.45 5.68 -5.73
CA LYS A 222 22.09 4.40 -5.51
C LYS A 222 21.68 3.78 -4.18
N LYS A 223 21.41 4.64 -3.20
CA LYS A 223 21.02 4.18 -1.90
CA LYS A 223 21.15 4.25 -1.84
C LYS A 223 19.95 5.06 -1.34
N LEU A 224 19.09 4.41 -0.58
CA LEU A 224 17.93 5.01 0.09
C LEU A 224 18.24 5.09 1.58
N HIS A 225 17.67 6.11 2.23
CA HIS A 225 17.97 6.43 3.63
C HIS A 225 16.76 6.25 4.50
N TYR A 226 16.95 5.66 5.65
CA TYR A 226 15.90 5.66 6.70
C TYR A 226 16.60 5.92 8.05
N THR A 227 15.76 6.23 9.04
CA THR A 227 16.19 6.36 10.43
C THR A 227 15.16 5.62 11.31
N LEU A 228 15.68 4.73 12.15
CA LEU A 228 14.95 3.93 13.09
C LEU A 228 15.43 4.28 14.50
N ASN A 229 14.52 4.82 15.32
CA ASN A 229 14.83 5.21 16.70
C ASN A 229 16.16 5.94 16.78
N GLY A 230 16.32 6.92 15.93
CA GLY A 230 17.49 7.78 15.94
C GLY A 230 18.73 7.26 15.24
N LYS A 231 18.71 6.02 14.76
CA LYS A 231 19.88 5.45 14.07
C LYS A 231 19.61 5.37 12.54
N SER A 232 20.40 6.11 11.77
CA SER A 232 20.24 6.19 10.33
C SER A 232 21.04 5.10 9.61
N SER A 233 20.47 4.56 8.55
CA SER A 233 21.22 3.63 7.69
CA SER A 233 21.13 3.55 7.72
C SER A 233 20.75 3.76 6.26
N THR A 234 21.33 2.94 5.36
CA THR A 234 21.02 3.03 3.95
C THR A 234 20.72 1.66 3.37
N ILE A 235 20.03 1.68 2.22
CA ILE A 235 19.65 0.45 1.51
C ILE A 235 20.02 0.64 0.05
N PRO A 236 20.83 -0.26 -0.51
CA PRO A 236 21.04 -0.14 -1.94
C PRO A 236 19.75 -0.33 -2.72
N SER A 237 19.45 0.61 -3.62
CA SER A 237 18.18 0.68 -4.30
C SER A 237 17.98 -0.32 -5.42
N CYS A 238 19.05 -0.73 -6.06
CA CYS A 238 18.94 -1.47 -7.35
C CYS A 238 18.09 -0.72 -8.35
N GLY A 239 18.16 0.60 -8.27
CA GLY A 239 17.41 1.42 -9.14
C GLY A 239 15.94 1.55 -9.00
N LEU A 240 15.38 1.08 -7.89
CA LEU A 240 13.97 1.21 -7.60
C LEU A 240 13.70 1.68 -6.18
N GLN A 241 12.66 2.49 -6.09
CA GLN A 241 12.12 2.93 -4.84
C GLN A 241 10.77 2.31 -4.64
N VAL A 242 10.60 1.68 -3.49
CA VAL A 242 9.36 1.02 -3.09
C VAL A 242 8.44 1.98 -2.31
N SER A 243 7.14 1.96 -2.61
CA SER A 243 6.11 2.62 -1.81
C SER A 243 5.05 1.61 -1.43
N ILE A 244 4.79 1.53 -0.13
CA ILE A 244 3.69 0.76 0.42
C ILE A 244 2.44 1.65 0.39
N ILE A 245 1.35 1.10 -0.10
CA ILE A 245 0.07 1.82 -0.28
C ILE A 245 -1.09 1.08 0.35
N ASP A 246 -2.22 1.78 0.40
CA ASP A 246 -3.56 1.27 0.69
C ASP A 246 -3.77 0.86 2.14
N TYR A 247 -4.21 1.81 2.95
CA TYR A 247 -4.32 1.63 4.39
C TYR A 247 -5.69 1.32 4.90
N THR A 248 -6.51 0.78 4.01
CA THR A 248 -7.93 0.51 4.34
CA THR A 248 -7.93 0.48 4.31
C THR A 248 -8.10 -0.45 5.51
N LEU A 249 -7.16 -1.42 5.68
CA LEU A 249 -7.27 -2.33 6.80
C LEU A 249 -6.23 -2.08 7.90
N SER A 250 -5.45 -0.96 7.82
CA SER A 250 -4.35 -0.78 8.70
C SER A 250 -4.73 -0.28 10.08
N ARG A 251 -3.75 -0.34 10.96
CA ARG A 251 -3.90 0.03 12.35
C ARG A 251 -2.68 0.79 12.79
N LEU A 252 -2.89 1.81 13.65
CA LEU A 252 -1.80 2.46 14.34
C LEU A 252 -2.36 3.20 15.55
N GLU A 253 -1.48 3.85 16.30
CA GLU A 253 -1.97 4.59 17.46
C GLU A 253 -1.07 5.79 17.69
N ARG A 254 -1.63 6.82 18.33
CA ARG A 254 -0.80 7.90 18.83
C ARG A 254 -1.38 8.32 20.19
N ASP A 255 -0.54 8.41 21.19
CA ASP A 255 -0.96 8.76 22.57
C ASP A 255 -2.11 7.90 23.10
N GLY A 256 -2.07 6.59 22.72
CA GLY A 256 -3.07 5.59 23.17
C GLY A 256 -4.38 5.60 22.45
N ILE A 257 -4.57 6.48 21.47
CA ILE A 257 -5.75 6.49 20.67
C ILE A 257 -5.43 5.59 19.48
N VAL A 258 -6.19 4.52 19.35
CA VAL A 258 -5.98 3.53 18.31
C VAL A 258 -6.91 3.74 17.14
N VAL A 259 -6.35 3.79 15.95
CA VAL A 259 -7.08 3.90 14.72
C VAL A 259 -6.98 2.58 13.94
N PHE A 260 -8.10 1.99 13.58
CA PHE A 260 -8.05 0.68 12.92
C PHE A 260 -9.36 0.33 12.25
N CYS A 261 -9.32 -0.75 11.49
CA CYS A 261 -10.52 -1.32 10.87
C CYS A 261 -10.93 -2.58 11.60
N ASP A 262 -12.09 -2.54 12.28
CA ASP A 262 -12.55 -3.70 13.04
C ASP A 262 -13.16 -4.71 12.08
N VAL A 263 -12.40 -5.75 11.76
CA VAL A 263 -12.89 -6.80 10.86
C VAL A 263 -13.34 -8.03 11.67
N SER A 264 -13.52 -7.90 12.98
CA SER A 264 -13.85 -9.05 13.84
C SER A 264 -15.14 -9.79 13.39
N MET A 265 -16.04 -9.12 12.68
CA MET A 265 -17.32 -9.75 12.29
C MET A 265 -17.42 -9.96 10.79
N ASP A 266 -16.32 -9.74 10.07
CA ASP A 266 -16.31 -9.94 8.66
C ASP A 266 -16.18 -11.44 8.50
N GLU A 267 -16.91 -11.98 7.55
CA GLU A 267 -16.87 -13.43 7.32
C GLU A 267 -15.90 -13.66 6.18
N ASP A 268 -16.22 -12.98 5.07
CA ASP A 268 -15.60 -13.19 3.78
C ASP A 268 -14.12 -13.02 3.83
N LEU A 269 -13.63 -12.07 4.62
CA LEU A 269 -12.17 -11.81 4.69
C LEU A 269 -11.37 -13.06 5.03
N PHE A 270 -11.93 -13.97 5.81
CA PHE A 270 -11.21 -15.15 6.32
C PHE A 270 -11.49 -16.47 5.61
N THR A 271 -12.21 -16.42 4.49
CA THR A 271 -12.60 -17.65 3.79
C THR A 271 -12.09 -17.70 2.32
N GLY A 272 -11.02 -16.97 2.03
CA GLY A 272 -10.48 -16.97 0.69
C GLY A 272 -9.65 -18.22 0.52
N ASP A 273 -9.33 -18.51 -0.74
CA ASP A 273 -8.46 -19.65 -1.04
CA ASP A 273 -8.59 -19.73 -1.11
C ASP A 273 -7.74 -19.46 -2.37
N GLY A 274 -6.74 -20.33 -2.61
CA GLY A 274 -5.97 -20.35 -3.86
C GLY A 274 -4.73 -19.46 -3.92
N ASP A 275 -4.38 -18.81 -2.81
CA ASP A 275 -3.17 -17.99 -2.74
C ASP A 275 -2.85 -17.88 -1.26
N TYR A 276 -1.57 -17.92 -0.93
CA TYR A 276 -1.11 -17.73 0.44
C TYR A 276 -1.65 -16.42 1.07
N GLN A 277 -1.89 -15.39 0.26
CA GLN A 277 -2.51 -14.16 0.70
C GLN A 277 -3.71 -14.43 1.62
N PHE A 278 -4.54 -15.38 1.22
CA PHE A 278 -5.76 -15.65 1.98
C PHE A 278 -5.52 -16.33 3.29
N ASP A 279 -4.43 -17.11 3.40
CA ASP A 279 -4.04 -17.67 4.67
C ASP A 279 -3.55 -16.57 5.64
N ILE A 280 -2.91 -15.53 5.12
CA ILE A 280 -2.43 -14.43 6.00
C ILE A 280 -3.56 -13.79 6.80
N TYR A 281 -4.73 -13.61 6.19
CA TYR A 281 -5.86 -13.07 6.96
C TYR A 281 -6.20 -13.98 8.13
N ARG A 282 -6.26 -15.28 7.89
CA ARG A 282 -6.53 -16.23 8.95
C ARG A 282 -5.44 -16.31 10.01
N LEU A 283 -4.18 -16.27 9.57
CA LEU A 283 -3.04 -16.26 10.49
C LEU A 283 -2.99 -14.99 11.39
N MET A 284 -3.36 -13.85 10.82
CA MET A 284 -3.48 -12.62 11.63
C MET A 284 -4.55 -12.77 12.70
N LYS A 285 -5.71 -13.33 12.31
CA LYS A 285 -6.81 -13.56 13.28
C LYS A 285 -6.41 -14.54 14.38
N LYS A 286 -5.61 -15.56 14.03
CA LYS A 286 -5.05 -16.42 15.02
C LYS A 286 -4.12 -15.68 15.99
N GLU A 287 -3.19 -14.91 15.45
CA GLU A 287 -2.24 -14.14 16.26
C GLU A 287 -2.91 -13.17 17.23
N ASN A 288 -4.00 -12.51 16.81
CA ASN A 288 -4.60 -11.42 17.62
C ASN A 288 -5.87 -11.87 18.37
N ASN A 289 -6.22 -13.15 18.27
CA ASN A 289 -7.45 -13.69 18.89
C ASN A 289 -8.72 -12.93 18.48
N ASN A 290 -8.71 -12.48 17.23
CA ASN A 290 -9.77 -11.67 16.63
C ASN A 290 -10.01 -10.32 17.34
N ARG A 291 -8.98 -9.80 18.03
CA ARG A 291 -9.07 -8.49 18.68
C ARG A 291 -8.20 -7.52 17.90
N TRP A 292 -8.83 -6.80 17.00
CA TRP A 292 -8.10 -5.99 15.98
C TRP A 292 -7.62 -4.63 16.52
N GLY A 293 -8.10 -4.24 17.68
CA GLY A 293 -7.60 -3.00 18.30
C GLY A 293 -6.23 -3.15 18.92
N GLU A 294 -5.88 -4.36 19.30
CA GLU A 294 -4.58 -4.65 19.87
C GLU A 294 -3.45 -4.44 18.84
N TYR A 295 -2.24 -4.28 19.39
CA TYR A 295 -1.01 -4.20 18.59
C TYR A 295 -0.32 -5.57 18.52
N HIS A 296 -0.24 -6.09 17.30
CA HIS A 296 0.44 -7.37 17.05
C HIS A 296 1.34 -7.14 15.81
N PRO A 297 2.55 -6.63 16.00
CA PRO A 297 3.42 -6.36 14.86
C PRO A 297 3.88 -7.64 14.13
N TYR A 298 3.60 -8.81 14.71
CA TYR A 298 3.83 -10.05 13.97
C TYR A 298 3.03 -10.08 12.67
N SER A 299 1.90 -9.36 12.58
CA SER A 299 1.22 -9.34 11.29
C SER A 299 2.07 -8.78 10.19
N ASN A 300 2.93 -7.81 10.49
CA ASN A 300 3.84 -7.30 9.45
C ASN A 300 4.84 -8.39 8.99
N VAL A 301 5.27 -9.18 9.93
CA VAL A 301 6.16 -10.34 9.64
C VAL A 301 5.43 -11.31 8.69
N LEU A 302 4.17 -11.62 9.00
CA LEU A 302 3.38 -12.51 8.14
C LEU A 302 3.29 -11.94 6.73
N TRP A 303 3.01 -10.65 6.59
CA TRP A 303 2.93 -10.09 5.23
C TRP A 303 4.31 -10.14 4.52
N LEU A 304 5.36 -9.81 5.26
CA LEU A 304 6.66 -9.90 4.64
C LEU A 304 7.00 -11.32 4.23
N HIS A 305 6.55 -12.31 5.02
CA HIS A 305 6.78 -13.71 4.63
C HIS A 305 6.01 -14.02 3.33
N TYR A 306 4.76 -13.57 3.28
CA TYR A 306 4.00 -13.74 2.04
C TYR A 306 4.70 -13.08 0.83
N LEU A 307 5.29 -11.90 1.04
CA LEU A 307 5.96 -11.20 -0.06
C LEU A 307 7.24 -11.91 -0.45
N THR A 308 7.97 -12.42 0.54
CA THR A 308 9.15 -13.21 0.23
C THR A 308 8.82 -14.45 -0.56
N ASP A 309 7.74 -15.11 -0.15
CA ASP A 309 7.19 -16.26 -0.83
C ASP A 309 6.87 -15.96 -2.32
N LYS A 310 6.23 -14.81 -2.54
CA LYS A 310 6.00 -14.30 -3.92
C LYS A 310 7.31 -14.15 -4.71
N MET A 311 8.31 -13.56 -4.08
CA MET A 311 9.61 -13.31 -4.72
C MET A 311 10.25 -14.64 -5.22
N LEU A 312 10.11 -15.69 -4.40
CA LEU A 312 10.75 -16.95 -4.68
C LEU A 312 9.94 -17.87 -5.55
N LYS A 313 8.61 -17.70 -5.59
CA LYS A 313 7.72 -18.66 -6.25
C LYS A 313 6.96 -18.15 -7.46
N GLN A 314 6.60 -16.85 -7.50
CA GLN A 314 5.79 -16.30 -8.57
C GLN A 314 6.51 -15.25 -9.40
N MET A 315 7.41 -14.48 -8.82
CA MET A 315 8.23 -13.56 -9.63
C MET A 315 9.14 -14.37 -10.54
N THR A 316 9.32 -13.88 -11.78
CA THR A 316 10.30 -14.43 -12.66
C THR A 316 11.22 -13.35 -13.23
N PHE A 317 12.51 -13.58 -13.13
CA PHE A 317 13.49 -12.53 -13.34
C PHE A 317 14.16 -12.64 -14.67
N LYS A 318 14.51 -11.49 -15.19
CA LYS A 318 15.15 -11.44 -16.51
C LYS A 318 16.49 -12.13 -16.58
N THR A 319 17.26 -12.00 -15.52
CA THR A 319 18.50 -12.67 -15.34
C THR A 319 18.45 -13.53 -14.09
N LYS A 320 18.73 -14.81 -14.28
CA LYS A 320 18.69 -15.78 -13.19
C LYS A 320 20.06 -15.74 -12.53
N CYS A 321 20.24 -16.37 -11.37
CA CYS A 321 21.48 -16.19 -10.60
C CYS A 321 22.66 -17.01 -11.25
N ASN A 322 23.69 -16.31 -11.76
CA ASN A 322 24.90 -16.91 -12.44
C ASN A 322 26.08 -16.95 -11.53
N THR A 323 26.43 -15.79 -11.00
CA THR A 323 27.69 -15.61 -10.31
C THR A 323 27.64 -16.18 -8.88
N PRO A 324 28.80 -16.46 -8.32
CA PRO A 324 28.88 -16.74 -6.88
C PRO A 324 28.12 -15.72 -6.04
N ALA A 325 28.31 -14.43 -6.31
CA ALA A 325 27.72 -13.37 -5.50
C ALA A 325 26.17 -13.39 -5.54
N MET A 326 25.62 -13.77 -6.71
CA MET A 326 24.17 -13.78 -6.96
CA MET A 326 24.17 -13.77 -6.95
C MET A 326 23.54 -15.01 -6.37
N LYS A 327 24.24 -16.11 -6.51
CA LYS A 327 23.81 -17.37 -5.95
C LYS A 327 23.71 -17.28 -4.45
N GLN A 328 24.62 -16.55 -3.81
CA GLN A 328 24.61 -16.26 -2.39
C GLN A 328 23.39 -15.41 -2.02
N ILE A 329 23.10 -14.39 -2.84
CA ILE A 329 21.87 -13.64 -2.64
C ILE A 329 20.63 -14.57 -2.66
N LYS A 330 20.53 -15.46 -3.62
CA LYS A 330 19.38 -16.40 -3.68
C LYS A 330 19.25 -17.26 -2.41
N ARG A 331 20.38 -17.83 -2.01
CA ARG A 331 20.43 -18.63 -0.80
C ARG A 331 20.02 -17.83 0.39
N LYS A 332 20.45 -16.58 0.49
CA LYS A 332 20.10 -15.71 1.61
C LYS A 332 18.60 -15.39 1.67
N ILE A 333 17.96 -15.23 0.50
CA ILE A 333 16.54 -14.98 0.47
C ILE A 333 15.78 -16.25 0.83
N GLN A 334 16.24 -17.39 0.34
CA GLN A 334 15.66 -18.69 0.80
C GLN A 334 15.76 -18.85 2.31
N GLU A 335 16.91 -18.51 2.86
CA GLU A 335 17.15 -18.54 4.33
CA GLU A 335 17.08 -18.61 4.29
C GLU A 335 16.19 -17.64 5.05
N PHE A 336 16.04 -16.41 4.54
CA PHE A 336 15.06 -15.48 5.07
C PHE A 336 13.67 -16.11 5.11
N HIS A 337 13.23 -16.69 4.00
CA HIS A 337 11.91 -17.29 3.90
C HIS A 337 11.66 -18.33 4.97
N ARG A 338 12.67 -19.14 5.29
CA ARG A 338 12.47 -20.28 6.20
CA ARG A 338 12.45 -20.28 6.20
C ARG A 338 12.71 -19.91 7.67
N THR A 339 13.20 -18.69 7.91
CA THR A 339 13.54 -18.27 9.29
C THR A 339 12.74 -17.08 9.79
N MET A 340 12.25 -16.23 8.90
CA MET A 340 11.66 -14.95 9.30
C MET A 340 10.43 -15.07 10.18
N LEU A 341 9.68 -16.18 10.07
CA LEU A 341 8.47 -16.34 10.91
C LEU A 341 8.85 -16.49 12.40
N ASN A 342 10.16 -16.67 12.70
CA ASN A 342 10.62 -16.74 14.08
C ASN A 342 11.06 -15.40 14.65
N PHE A 343 10.64 -14.31 14.02
CA PHE A 343 10.90 -12.93 14.46
C PHE A 343 9.56 -12.28 14.81
N SER A 344 9.61 -11.33 15.74
CA SER A 344 8.40 -10.84 16.39
CA SER A 344 8.41 -10.81 16.41
C SER A 344 7.79 -9.60 15.74
N SER A 345 8.54 -8.95 14.85
CA SER A 345 8.14 -7.68 14.23
C SER A 345 9.09 -7.37 13.10
N ALA A 346 8.70 -6.45 12.25
CA ALA A 346 9.57 -5.94 11.20
C ALA A 346 10.82 -5.35 11.81
N THR A 347 10.65 -4.70 12.96
CA THR A 347 11.77 -4.08 13.69
C THR A 347 12.78 -5.16 14.06
N ASP A 348 12.30 -6.26 14.61
CA ASP A 348 13.19 -7.42 14.98
C ASP A 348 13.89 -7.95 13.73
N LEU A 349 13.16 -8.14 12.62
CA LEU A 349 13.80 -8.57 11.38
C LEU A 349 14.88 -7.63 10.90
N LEU A 350 14.58 -6.35 10.82
CA LEU A 350 15.54 -5.40 10.32
C LEU A 350 16.84 -5.40 11.16
N CYS A 351 16.65 -5.39 12.47
CA CYS A 351 17.76 -5.19 13.41
C CYS A 351 18.57 -6.46 13.64
N GLN A 352 17.94 -7.63 13.49
CA GLN A 352 18.58 -8.92 13.83
CA GLN A 352 18.55 -8.91 13.86
C GLN A 352 18.77 -9.91 12.73
N HIS A 353 17.99 -9.83 11.64
CA HIS A 353 18.13 -10.85 10.61
C HIS A 353 19.42 -10.73 9.79
N SER A 354 20.04 -11.86 9.56
CA SER A 354 21.31 -11.87 8.80
C SER A 354 21.20 -11.33 7.36
N LEU A 355 20.01 -11.35 6.78
CA LEU A 355 19.80 -10.86 5.44
C LEU A 355 20.24 -9.40 5.28
N PHE A 356 20.07 -8.61 6.34
CA PHE A 356 20.33 -7.17 6.27
C PHE A 356 21.67 -6.76 6.83
N LYS A 357 22.54 -7.73 7.11
CA LYS A 357 23.90 -7.43 7.58
C LYS A 357 24.89 -7.33 6.42
C4 Q8W B . -0.32 5.86 -5.43
C5 Q8W B . -1.32 4.89 -5.19
C6 Q8W B . -2.16 4.72 -3.98
N1 Q8W B . -0.38 4.66 -7.17
C7 Q8W B . -1.86 5.36 -2.78
C8 Q8W B . -2.60 5.12 -1.65
N2 Q8W B . 0.29 5.72 -6.68
C9 Q8W B . -3.68 4.25 -1.68
C10 Q8W B . -4.03 3.65 -2.88
C11 Q8W B . -3.29 3.89 -4.03
C12 Q8W B . -5.73 2.14 -3.87
N3 Q8W B . -5.36 0.71 -5.88
C13 Q8W B . -4.85 1.17 -4.60
C14 Q8W B . -5.52 -0.75 -5.90
C15 Q8W B . -6.86 -1.19 -5.36
N4 Q8W B . -6.92 -2.61 -4.95
N5 Q8W B . -2.33 1.22 -8.09
C Q8W B . -1.74 2.43 -7.81
C21 Q8W B . -3.21 0.53 -7.15
C20 Q8W B . -4.57 1.18 -7.05
C19 Q8W B . -8.18 -2.90 -4.22
C18 Q8W B . -8.21 -4.34 -3.79
O1 Q8W B . -8.04 -5.22 -4.90
C17 Q8W B . -6.83 -4.95 -5.61
C16 Q8W B . -6.78 -3.51 -6.08
O Q8W B . -5.18 2.92 -2.81
C2 Q8W B . -1.36 4.14 -6.35
N Q8W B . -2.06 3.04 -6.67
C3 Q8W B . -0.08 4.04 -8.38
C1 Q8W B . -0.79 2.92 -8.70
NA NA C . 7.44 6.19 -1.13
C1 MPD D . 1.50 -7.73 22.85
C2 MPD D . 2.47 -8.39 21.88
O2 MPD D . 1.69 -9.35 21.15
CM MPD D . 3.55 -9.19 22.64
C3 MPD D . 3.10 -7.50 20.78
C4 MPD D . 3.57 -6.05 21.05
O4 MPD D . 2.89 -5.40 22.14
C5 MPD D . 5.08 -5.96 21.31
C1 MRD E . 4.81 -14.99 19.45
C2 MRD E . 5.09 -14.48 18.03
O2 MRD E . 3.90 -14.60 17.27
CM MRD E . 5.41 -13.00 18.08
C3 MRD E . 6.16 -15.41 17.38
C4 MRD E . 7.52 -14.80 16.98
O4 MRD E . 8.12 -15.66 16.03
C5 MRD E . 8.57 -14.63 18.08
C1 MPD F . -4.70 8.74 16.83
C2 MPD F . -4.46 9.98 15.99
O2 MPD F . -3.82 10.99 16.77
CM MPD F . -3.51 9.62 14.86
C3 MPD F . -5.79 10.51 15.45
C4 MPD F . -6.08 12.00 15.65
O4 MPD F . -4.88 12.78 15.62
C5 MPD F . -7.02 12.54 14.57
S DMS G . 18.62 0.19 12.31
O DMS G . 19.34 1.33 11.61
C1 DMS G . 19.23 -1.34 11.82
C2 DMS G . 19.03 0.22 13.93
#